data_6MOO
#
_entry.id   6MOO
#
_cell.length_a   35.887
_cell.length_b   66.860
_cell.length_c   63.728
_cell.angle_alpha   90.00
_cell.angle_beta   90.81
_cell.angle_gamma   90.00
#
_symmetry.space_group_name_H-M   'P 1 21 1'
#
loop_
_entity.id
_entity.type
_entity.pdbx_description
1 polymer 'UDP-3-O-acyl-N-acetylglucosamine deacetylase'
2 non-polymer 'ZINC ION'
3 non-polymer 'N-[(2S)-3-azanyl-3-methyl-1-(oxidanylamino)-1-oxidanylidene-butan-2-yl]-4-[4-[(1R,2R)-2-(hydroxymethyl)cyclopropyl]buta -1,3-diynyl]benzamide'
4 water water
#
_entity_poly.entity_id   1
_entity_poly.type   'polypeptide(L)'
_entity_poly.pdbx_seq_one_letter_code
;HHEGAGTIKQRTLKNIIRATGVGLHSGEKVYLTLKPAPVDTGIVFSRTDLDPVVEIPARAENVGETTMSTTLVKGDVKVD
TVEHLLSAMAGLGIDNAYVELSASEVPIMDGSAGPFVFLIQSAGLQEQEAAKKFIRIKREVSVEEGDKRAVFVPFDGFKV
SFEIDFDHPVFRGRTQQASVDFSSTSFVKEVSRARTFGFMRDIEYLRSQNLALGGSVENAIVVDENRVLNEDGLRYEDEF
VKHKILDAIGDLYLLGNSLIGEFRGFKSGHALNNQLLRTLIADKDAWEVVTFEDARTAPISYMRP
;
_entity_poly.pdbx_strand_id   A
#
# COMPACT_ATOMS: atom_id res chain seq x y z
N HIS A 1 16.24 34.23 7.75
CA HIS A 1 16.62 33.05 6.87
C HIS A 1 18.08 32.65 7.14
N HIS A 2 18.31 31.40 7.54
CA HIS A 2 19.66 30.85 7.80
C HIS A 2 19.77 29.48 7.12
N GLU A 3 21.02 29.05 6.83
CA GLU A 3 21.28 27.74 6.22
C GLU A 3 21.88 26.79 7.24
N GLY A 4 21.29 25.61 7.32
CA GLY A 4 21.77 24.56 8.24
C GLY A 4 21.17 23.18 7.95
N ALA A 5 21.66 22.14 8.62
CA ALA A 5 21.09 20.81 8.46
C ALA A 5 19.67 20.75 9.00
N GLY A 6 18.77 20.07 8.30
CA GLY A 6 17.41 19.82 8.81
C GLY A 6 17.10 18.32 8.77
N THR A 7 16.63 17.81 9.90
CA THR A 7 16.13 16.47 10.06
C THR A 7 15.09 16.15 9.02
N ILE A 8 15.05 14.92 8.53
CA ILE A 8 13.90 14.57 7.74
C ILE A 8 12.81 14.29 8.75
N LYS A 9 11.67 14.96 8.57
CA LYS A 9 10.63 15.01 9.60
C LYS A 9 9.37 14.17 9.35
N GLN A 10 8.68 13.78 10.42
CA GLN A 10 7.44 13.04 10.29
C GLN A 10 6.36 13.89 9.61
N ARG A 11 5.43 13.26 8.90
CA ARG A 11 4.30 13.97 8.30
C ARG A 11 2.98 13.37 8.66
N THR A 12 2.01 14.26 8.81
CA THR A 12 0.62 13.93 8.94
C THR A 12 -0.13 14.73 7.89
N LEU A 13 -1.44 14.55 7.84
CA LEU A 13 -2.33 15.38 7.03
C LEU A 13 -2.43 16.85 7.55
N LYS A 14 -2.50 17.80 6.64
CA LYS A 14 -2.77 19.18 7.00
C LYS A 14 -4.26 19.37 7.29
N ASN A 15 -5.13 18.73 6.48
CA ASN A 15 -6.61 18.79 6.65
C ASN A 15 -7.25 17.42 6.59
N ILE A 16 -8.48 17.35 7.01
CA ILE A 16 -9.28 16.16 6.90
C ILE A 16 -9.72 15.92 5.46
N ILE A 17 -9.78 14.65 5.11
CA ILE A 17 -10.27 14.16 3.84
C ILE A 17 -11.49 13.25 4.09
N ARG A 18 -12.55 13.46 3.36
CA ARG A 18 -13.74 12.60 3.43
C ARG A 18 -13.92 12.07 2.05
N ALA A 19 -14.24 10.79 1.95
CA ALA A 19 -14.72 10.21 0.70
C ALA A 19 -15.81 9.17 0.93
N THR A 20 -16.63 8.94 -0.07
CA THR A 20 -17.61 7.86 -0.04
C THR A 20 -17.31 6.85 -1.20
N GLY A 21 -17.45 5.56 -0.95
CA GLY A 21 -17.33 4.60 -2.03
C GLY A 21 -17.93 3.25 -1.69
N VAL A 22 -17.40 2.22 -2.35
CA VAL A 22 -17.89 0.87 -2.20
C VAL A 22 -16.72 -0.06 -1.95
N GLY A 23 -16.95 -1.06 -1.11
CA GLY A 23 -15.99 -2.16 -0.92
C GLY A 23 -15.92 -3.09 -2.13
N LEU A 24 -14.70 -3.37 -2.59
CA LEU A 24 -14.51 -4.24 -3.75
C LEU A 24 -15.09 -5.61 -3.50
N HIS A 25 -14.77 -6.15 -2.33
CA HIS A 25 -15.22 -7.49 -2.00
C HIS A 25 -16.59 -7.56 -1.40
N SER A 26 -16.89 -6.68 -0.46
CA SER A 26 -18.14 -6.75 0.28
C SER A 26 -19.25 -6.11 -0.50
N GLY A 27 -18.91 -5.15 -1.35
CA GLY A 27 -19.90 -4.37 -2.05
C GLY A 27 -20.60 -3.36 -1.16
N GLU A 28 -20.12 -3.16 0.06
CA GLU A 28 -20.84 -2.23 0.98
C GLU A 28 -20.46 -0.77 0.73
N LYS A 29 -21.44 0.10 0.83
CA LYS A 29 -21.19 1.51 0.86
C LYS A 29 -20.44 1.93 2.12
N VAL A 30 -19.40 2.74 1.93
CA VAL A 30 -18.52 3.04 3.05
C VAL A 30 -18.13 4.50 2.99
N TYR A 31 -18.12 5.15 4.17
CA TYR A 31 -17.64 6.52 4.32
C TYR A 31 -16.26 6.48 4.94
N LEU A 32 -15.38 7.28 4.39
CA LEU A 32 -13.98 7.29 4.79
C LEU A 32 -13.61 8.70 5.20
N THR A 33 -13.04 8.82 6.38
CA THR A 33 -12.43 10.06 6.82
C THR A 33 -10.99 9.83 7.21
N LEU A 34 -10.06 10.54 6.61
CA LEU A 34 -8.68 10.53 7.06
C LEU A 34 -8.44 11.77 7.88
N LYS A 35 -7.83 11.61 9.05
CA LYS A 35 -7.58 12.73 9.93
C LYS A 35 -6.13 12.81 10.37
N PRO A 36 -5.68 14.03 10.71
CA PRO A 36 -4.35 14.22 11.24
C PRO A 36 -4.16 13.42 12.54
N ALA A 37 -2.92 13.05 12.82
CA ALA A 37 -2.60 12.32 14.05
C ALA A 37 -1.27 12.85 14.58
N PRO A 38 -1.09 12.79 15.92
CA PRO A 38 0.18 13.06 16.59
C PRO A 38 1.35 12.17 16.16
N VAL A 39 2.52 12.69 16.46
CA VAL A 39 3.77 12.06 16.24
C VAL A 39 3.83 10.61 16.78
N ASP A 40 4.46 9.72 16.03
CA ASP A 40 4.54 8.34 16.36
C ASP A 40 3.22 7.60 16.56
N THR A 41 2.11 8.08 16.02
CA THR A 41 0.90 7.27 16.04
C THR A 41 0.89 6.15 15.02
N GLY A 42 1.58 6.35 13.90
CA GLY A 42 1.41 5.46 12.76
C GLY A 42 0.03 5.69 12.12
N ILE A 43 -0.36 4.73 11.30
CA ILE A 43 -1.61 4.77 10.58
C ILE A 43 -2.49 3.81 11.34
N VAL A 44 -3.66 4.26 11.78
CA VAL A 44 -4.51 3.48 12.61
C VAL A 44 -5.92 3.52 12.04
N PHE A 45 -6.56 2.37 11.86
CA PHE A 45 -7.85 2.26 11.20
C PHE A 45 -8.93 2.23 12.28
N SER A 46 -9.96 3.10 12.18
CA SER A 46 -10.95 3.27 13.28
C SER A 46 -12.37 2.91 12.71
N ARG A 47 -12.92 1.75 13.08
CA ARG A 47 -14.32 1.44 12.73
C ARG A 47 -15.34 2.27 13.53
N THR A 48 -15.76 3.39 12.97
CA THR A 48 -16.60 4.32 13.67
C THR A 48 -18.06 3.90 13.60
N ASP A 49 -18.36 2.80 12.93
CA ASP A 49 -19.77 2.36 12.87
C ASP A 49 -20.08 1.56 14.14
N LEU A 50 -19.05 1.16 14.88
CA LEU A 50 -19.27 0.34 16.06
C LEU A 50 -19.32 1.23 17.24
N ASP A 51 -19.94 0.73 18.30
CA ASP A 51 -20.05 1.49 19.55
C ASP A 51 -19.79 0.51 20.68
N PRO A 52 -18.60 0.58 21.32
CA PRO A 52 -17.56 1.60 21.07
C PRO A 52 -16.74 1.41 19.77
N VAL A 53 -16.11 2.50 19.33
CA VAL A 53 -15.22 2.48 18.19
C VAL A 53 -14.08 1.49 18.43
N VAL A 54 -13.81 0.65 17.43
CA VAL A 54 -12.67 -0.24 17.48
C VAL A 54 -11.58 0.31 16.56
N GLU A 55 -10.37 0.40 17.11
CA GLU A 55 -9.19 0.97 16.44
C GLU A 55 -8.16 -0.13 16.15
N ILE A 56 -7.68 -0.23 14.93
CA ILE A 56 -6.66 -1.23 14.60
C ILE A 56 -5.43 -0.58 13.95
N PRO A 57 -4.28 -0.56 14.65
CA PRO A 57 -3.10 0.02 14.00
C PRO A 57 -2.74 -0.81 12.76
N ALA A 58 -2.30 -0.14 11.72
CA ALA A 58 -1.95 -0.80 10.47
C ALA A 58 -0.53 -1.38 10.60
N ARG A 59 -0.42 -2.47 11.35
CA ARG A 59 0.86 -3.10 11.54
C ARG A 59 0.79 -4.59 11.19
N ALA A 60 1.96 -5.16 10.88
CA ALA A 60 2.05 -6.57 10.48
C ALA A 60 1.43 -7.49 11.49
N GLU A 61 1.55 -7.17 12.77
CA GLU A 61 1.00 -8.05 13.80
C GLU A 61 -0.51 -8.11 13.79
N ASN A 62 -1.21 -7.15 13.19
CA ASN A 62 -2.68 -7.15 13.19
C ASN A 62 -3.23 -7.77 11.91
N VAL A 63 -2.37 -8.30 11.05
CA VAL A 63 -2.85 -8.81 9.74
C VAL A 63 -3.56 -10.14 9.97
N GLY A 64 -4.85 -10.23 9.63
CA GLY A 64 -5.58 -11.48 9.63
C GLY A 64 -5.43 -12.21 8.30
N GLU A 65 -6.51 -12.48 7.61
CA GLU A 65 -6.48 -13.13 6.31
C GLU A 65 -5.75 -12.27 5.24
N THR A 66 -5.17 -12.97 4.29
CA THR A 66 -4.39 -12.35 3.24
C THR A 66 -4.62 -13.14 1.97
N THR A 67 -5.76 -13.82 1.83
CA THR A 67 -6.00 -14.60 0.64
C THR A 67 -6.30 -13.63 -0.51
N MET A 68 -7.39 -12.90 -0.44
CA MET A 68 -7.76 -11.97 -1.49
C MET A 68 -7.11 -10.60 -1.36
N SER A 69 -7.30 -9.96 -0.20
CA SER A 69 -6.75 -8.61 0.03
C SER A 69 -6.00 -8.66 1.31
N THR A 70 -5.48 -7.54 1.80
CA THR A 70 -4.80 -7.51 3.09
C THR A 70 -5.80 -7.04 4.09
N THR A 71 -6.02 -7.85 5.12
CA THR A 71 -7.04 -7.62 6.09
C THR A 71 -6.41 -7.47 7.44
N LEU A 72 -6.91 -6.53 8.22
CA LEU A 72 -6.51 -6.34 9.58
C LEU A 72 -7.60 -6.83 10.52
N VAL A 73 -7.24 -7.39 11.68
CA VAL A 73 -8.25 -7.96 12.59
C VAL A 73 -7.90 -7.63 13.99
N LYS A 74 -8.92 -7.44 14.77
CA LYS A 74 -8.80 -7.39 16.22
C LYS A 74 -10.10 -7.97 16.76
N GLY A 75 -9.98 -9.12 17.40
CA GLY A 75 -11.10 -9.88 17.89
C GLY A 75 -11.89 -10.39 16.73
N ASP A 76 -13.17 -10.06 16.72
CA ASP A 76 -14.05 -10.35 15.59
C ASP A 76 -14.25 -9.14 14.66
N VAL A 77 -13.43 -8.11 14.76
CA VAL A 77 -13.58 -6.90 13.94
C VAL A 77 -12.52 -6.86 12.88
N LYS A 78 -12.91 -6.54 11.65
CA LYS A 78 -11.98 -6.56 10.53
C LYS A 78 -11.96 -5.23 9.81
N VAL A 79 -10.86 -4.95 9.14
CA VAL A 79 -10.79 -3.86 8.17
C VAL A 79 -10.11 -4.46 6.93
N ASP A 80 -10.86 -4.57 5.84
CA ASP A 80 -10.42 -5.24 4.60
C ASP A 80 -9.89 -4.28 3.57
N THR A 81 -8.97 -4.80 2.79
CA THR A 81 -8.48 -4.19 1.58
C THR A 81 -7.79 -2.90 1.91
N VAL A 82 -6.75 -2.97 2.73
CA VAL A 82 -6.05 -1.75 3.17
C VAL A 82 -4.88 -1.36 2.30
N GLU A 83 -4.49 -2.22 1.38
CA GLU A 83 -3.25 -2.10 0.66
C GLU A 83 -3.22 -0.89 -0.26
N HIS A 84 -4.35 -0.56 -0.90
CA HIS A 84 -4.24 0.56 -1.87
C HIS A 84 -4.13 1.91 -1.13
N LEU A 85 -4.91 2.07 -0.09
CA LEU A 85 -4.79 3.34 0.66
C LEU A 85 -3.44 3.43 1.28
N LEU A 86 -2.92 2.29 1.76
CA LEU A 86 -1.65 2.31 2.48
C LEU A 86 -0.51 2.58 1.54
N SER A 87 -0.70 2.16 0.33
CA SER A 87 0.24 2.38 -0.70
C SER A 87 0.37 3.90 -1.01
N ALA A 88 -0.76 4.60 -1.04
CA ALA A 88 -0.87 6.07 -1.25
C ALA A 88 -0.15 6.81 -0.15
N MET A 89 -0.35 6.38 1.08
CA MET A 89 0.31 6.94 2.24
C MET A 89 1.80 6.77 2.33
N ALA A 90 2.27 5.56 1.99
CA ALA A 90 3.68 5.30 1.89
C ALA A 90 4.25 6.11 0.73
N GLY A 91 3.61 6.06 -0.42
CA GLY A 91 4.09 6.80 -1.54
C GLY A 91 4.30 8.27 -1.27
N LEU A 92 3.50 8.93 -0.43
CA LEU A 92 3.64 10.37 -0.17
C LEU A 92 4.33 10.66 1.17
N GLY A 93 4.75 9.62 1.87
CA GLY A 93 5.48 9.79 3.13
C GLY A 93 4.67 10.12 4.35
N ILE A 94 3.40 9.68 4.39
CA ILE A 94 2.60 9.91 5.60
C ILE A 94 2.92 8.93 6.73
N ASP A 95 3.39 9.46 7.86
CA ASP A 95 3.68 8.65 9.05
C ASP A 95 2.43 8.42 9.91
N ASN A 96 1.68 9.47 10.16
CA ASN A 96 0.64 9.44 11.19
C ASN A 96 -0.73 9.93 10.67
N ALA A 97 -1.76 9.15 10.98
CA ALA A 97 -3.11 9.44 10.48
C ALA A 97 -4.10 8.45 11.07
N TYR A 98 -5.32 8.92 11.33
CA TYR A 98 -6.44 8.07 11.62
C TYR A 98 -7.22 7.89 10.36
N VAL A 99 -7.52 6.66 10.04
CA VAL A 99 -8.41 6.35 8.97
C VAL A 99 -9.71 5.85 9.58
N GLU A 100 -10.75 6.65 9.55
CA GLU A 100 -12.07 6.19 10.07
C GLU A 100 -12.88 5.67 8.92
N LEU A 101 -13.56 4.58 9.17
CA LEU A 101 -14.38 3.90 8.19
C LEU A 101 -15.70 3.54 8.81
N SER A 102 -16.79 3.67 8.05
CA SER A 102 -18.15 3.30 8.49
C SER A 102 -18.49 1.86 8.18
N ALA A 103 -17.56 1.09 7.63
CA ALA A 103 -17.82 -0.30 7.38
C ALA A 103 -16.50 -1.05 7.35
N SER A 104 -16.56 -2.36 7.20
CA SER A 104 -15.37 -3.16 7.32
C SER A 104 -14.37 -3.13 6.13
N GLU A 105 -14.69 -2.55 4.98
CA GLU A 105 -13.79 -2.55 3.84
C GLU A 105 -13.45 -1.13 3.34
N VAL A 106 -12.18 -0.82 3.14
CA VAL A 106 -11.82 0.45 2.53
C VAL A 106 -12.45 0.58 1.14
N PRO A 107 -12.87 1.80 0.75
CA PRO A 107 -13.49 1.87 -0.58
C PRO A 107 -12.49 1.72 -1.70
N ILE A 108 -12.94 1.10 -2.76
CA ILE A 108 -12.07 0.75 -3.85
C ILE A 108 -11.83 1.92 -4.77
N MET A 109 -12.72 2.90 -4.81
CA MET A 109 -12.49 4.08 -5.66
C MET A 109 -12.42 3.61 -7.14
N ASP A 110 -11.35 3.95 -7.87
CA ASP A 110 -11.18 3.51 -9.29
C ASP A 110 -10.31 2.26 -9.41
N GLY A 111 -10.01 1.62 -8.29
CA GLY A 111 -9.17 0.44 -8.30
C GLY A 111 -7.66 0.71 -8.17
N SER A 112 -7.26 1.97 -8.15
CA SER A 112 -5.79 2.30 -7.99
C SER A 112 -5.64 3.16 -6.74
N ALA A 113 -4.50 3.83 -6.61
CA ALA A 113 -4.18 4.68 -5.47
C ALA A 113 -4.29 6.16 -5.92
N GLY A 114 -4.54 6.40 -7.21
CA GLY A 114 -4.60 7.77 -7.76
C GLY A 114 -5.54 8.71 -7.01
N PRO A 115 -6.82 8.29 -6.88
CA PRO A 115 -7.81 9.15 -6.17
C PRO A 115 -7.41 9.45 -4.72
N PHE A 116 -6.86 8.47 -4.03
CA PHE A 116 -6.27 8.73 -2.70
C PHE A 116 -5.12 9.71 -2.67
N VAL A 117 -4.17 9.53 -3.57
CA VAL A 117 -3.08 10.53 -3.65
C VAL A 117 -3.61 11.90 -3.98
N PHE A 118 -4.66 11.92 -4.78
CA PHE A 118 -5.21 13.20 -5.18
C PHE A 118 -5.93 13.88 -4.01
N LEU A 119 -6.77 13.13 -3.31
CA LEU A 119 -7.45 13.66 -2.16
C LEU A 119 -6.47 14.10 -1.11
N ILE A 120 -5.45 13.30 -0.88
CA ILE A 120 -4.52 13.63 0.13
C ILE A 120 -3.76 14.89 -0.25
N GLN A 121 -3.29 14.92 -1.48
CA GLN A 121 -2.49 16.05 -1.92
C GLN A 121 -3.25 17.36 -2.04
N SER A 122 -4.59 17.34 -2.26
CA SER A 122 -5.43 18.53 -2.18
C SER A 122 -5.53 19.02 -0.72
N ALA A 123 -5.68 18.10 0.23
CA ALA A 123 -5.73 18.47 1.63
C ALA A 123 -4.41 19.09 2.11
N GLY A 124 -3.31 18.50 1.70
CA GLY A 124 -1.97 18.99 2.02
C GLY A 124 -1.41 18.11 3.13
N LEU A 125 -0.08 18.11 3.27
CA LEU A 125 0.60 17.42 4.35
C LEU A 125 1.16 18.43 5.32
N GLN A 126 1.27 18.01 6.58
CA GLN A 126 1.86 18.83 7.62
C GLN A 126 3.09 18.09 8.18
N GLU A 127 4.25 18.67 7.99
CA GLU A 127 5.44 18.21 8.67
C GLU A 127 5.26 18.45 10.16
N GLN A 128 5.86 17.57 10.97
CA GLN A 128 5.71 17.60 12.40
C GLN A 128 7.10 17.61 13.08
N GLU A 129 7.12 17.98 14.36
CA GLU A 129 8.38 18.22 15.06
C GLU A 129 8.97 16.97 15.70
N ALA A 130 9.31 16.01 14.85
CA ALA A 130 9.98 14.75 15.28
C ALA A 130 10.62 14.15 14.07
N ALA A 131 11.76 13.55 14.30
CA ALA A 131 12.47 12.88 13.24
C ALA A 131 11.64 11.71 12.66
N LYS A 132 11.60 11.60 11.35
CA LYS A 132 11.02 10.44 10.70
C LYS A 132 11.95 9.22 10.90
N LYS A 133 11.38 8.08 11.31
CA LYS A 133 12.16 6.86 11.52
C LYS A 133 12.01 5.98 10.32
N PHE A 134 13.14 5.44 9.83
CA PHE A 134 13.14 4.53 8.70
C PHE A 134 13.61 3.16 9.15
N ILE A 135 13.22 2.13 8.40
CA ILE A 135 13.75 0.80 8.55
C ILE A 135 14.73 0.51 7.42
N ARG A 136 16.01 0.37 7.77
CA ARG A 136 17.07 0.05 6.81
C ARG A 136 17.32 -1.47 6.76
N ILE A 137 17.33 -2.06 5.58
CA ILE A 137 17.57 -3.48 5.44
C ILE A 137 19.10 -3.64 5.49
N LYS A 138 19.61 -4.52 6.34
CA LYS A 138 21.07 -4.74 6.43
C LYS A 138 21.52 -6.12 5.95
N ARG A 139 20.59 -7.04 5.85
CA ARG A 139 20.92 -8.36 5.27
C ARG A 139 19.85 -8.79 4.31
N GLU A 140 20.20 -9.73 3.45
CA GLU A 140 19.23 -10.30 2.59
C GLU A 140 18.24 -11.14 3.41
N VAL A 141 16.95 -10.88 3.20
CA VAL A 141 15.87 -11.70 3.83
C VAL A 141 14.97 -12.14 2.68
N SER A 142 14.78 -13.43 2.58
CA SER A 142 13.99 -14.02 1.51
C SER A 142 13.04 -15.04 2.08
N VAL A 143 11.82 -15.09 1.56
CA VAL A 143 10.89 -16.18 1.82
C VAL A 143 10.37 -16.68 0.49
N GLU A 144 10.06 -17.96 0.48
CA GLU A 144 9.58 -18.65 -0.70
C GLU A 144 8.49 -19.62 -0.27
N GLU A 145 7.66 -19.95 -1.23
CA GLU A 145 6.77 -21.07 -1.09
C GLU A 145 6.40 -21.48 -2.49
N GLY A 146 6.77 -22.72 -2.81
CA GLY A 146 6.65 -23.22 -4.17
C GLY A 146 7.51 -22.35 -5.07
N ASP A 147 6.94 -21.95 -6.20
CA ASP A 147 7.62 -21.06 -7.16
C ASP A 147 7.50 -19.56 -6.81
N LYS A 148 6.78 -19.21 -5.74
CA LYS A 148 6.64 -17.83 -5.35
C LYS A 148 7.84 -17.39 -4.51
N ARG A 149 8.22 -16.13 -4.62
CA ARG A 149 9.36 -15.69 -3.91
C ARG A 149 9.26 -14.21 -3.61
N ALA A 150 9.69 -13.85 -2.37
CA ALA A 150 9.77 -12.45 -1.97
C ALA A 150 11.00 -12.18 -1.16
N VAL A 151 11.69 -11.11 -1.52
CA VAL A 151 13.02 -10.82 -0.99
C VAL A 151 13.19 -9.38 -0.64
N PHE A 152 13.85 -9.14 0.49
CA PHE A 152 14.47 -7.84 0.81
C PHE A 152 15.96 -7.93 0.62
N VAL A 153 16.56 -6.96 -0.06
CA VAL A 153 18.02 -6.85 -0.15
C VAL A 153 18.44 -5.44 0.30
N PRO A 154 19.64 -5.32 0.92
CA PRO A 154 20.21 -4.01 1.27
C PRO A 154 20.33 -3.15 0.03
N PHE A 155 19.96 -1.89 0.16
CA PHE A 155 20.03 -0.96 -0.93
C PHE A 155 19.86 0.41 -0.35
N ASP A 156 20.69 1.33 -0.81
CA ASP A 156 20.74 2.68 -0.32
C ASP A 156 19.81 3.55 -1.12
N GLY A 157 18.52 3.46 -0.79
CA GLY A 157 17.45 4.08 -1.56
C GLY A 157 16.20 3.27 -1.29
N PHE A 158 15.27 3.31 -2.20
CA PHE A 158 14.14 2.43 -2.11
C PHE A 158 13.70 2.10 -3.51
N LYS A 159 13.74 0.79 -3.81
CA LYS A 159 13.36 0.32 -5.07
C LYS A 159 12.65 -1.03 -4.97
N VAL A 160 11.87 -1.34 -6.00
CA VAL A 160 11.01 -2.52 -6.05
C VAL A 160 11.07 -3.11 -7.44
N SER A 161 11.36 -4.41 -7.54
CA SER A 161 11.22 -5.16 -8.80
C SER A 161 10.12 -6.17 -8.60
N PHE A 162 9.48 -6.51 -9.67
CA PHE A 162 8.42 -7.50 -9.61
C PHE A 162 8.34 -8.25 -10.91
N GLU A 163 8.07 -9.52 -10.82
CA GLU A 163 7.80 -10.32 -12.00
C GLU A 163 6.57 -11.19 -11.76
N ILE A 164 5.63 -11.15 -12.70
CA ILE A 164 4.51 -12.10 -12.67
C ILE A 164 4.56 -13.05 -13.84
N ASP A 165 3.87 -14.17 -13.67
CA ASP A 165 3.88 -15.28 -14.63
C ASP A 165 2.44 -15.77 -14.87
N PHE A 166 1.68 -15.03 -15.67
CA PHE A 166 0.37 -15.47 -16.03
C PHE A 166 0.51 -16.06 -17.43
N ASP A 167 -0.19 -17.16 -17.69
CA ASP A 167 -0.34 -17.68 -19.06
C ASP A 167 -1.67 -17.15 -19.56
N HIS A 168 -1.63 -16.09 -20.35
CA HIS A 168 -2.85 -15.46 -20.80
C HIS A 168 -2.55 -14.57 -21.99
N PRO A 169 -3.38 -14.67 -23.04
CA PRO A 169 -3.08 -13.92 -24.23
C PRO A 169 -2.83 -12.45 -23.99
N VAL A 170 -3.47 -11.90 -22.98
CA VAL A 170 -3.33 -10.47 -22.70
C VAL A 170 -1.87 -10.07 -22.37
N PHE A 171 -0.92 -11.01 -22.19
CA PHE A 171 0.50 -10.62 -21.85
C PHE A 171 1.61 -10.64 -22.94
N GLN A 176 5.21 -8.19 -18.15
CA GLN A 176 5.32 -9.10 -17.00
C GLN A 176 6.44 -8.81 -15.99
N GLN A 177 7.32 -7.86 -16.26
CA GLN A 177 8.41 -7.57 -15.36
C GLN A 177 8.58 -6.06 -15.33
N ALA A 178 8.77 -5.51 -14.14
CA ALA A 178 9.02 -4.09 -14.02
C ALA A 178 9.85 -3.85 -12.76
N SER A 179 10.64 -2.80 -12.81
CA SER A 179 11.46 -2.33 -11.75
C SER A 179 11.20 -0.86 -11.64
N VAL A 180 11.20 -0.37 -10.41
CA VAL A 180 10.94 1.01 -10.15
C VAL A 180 11.82 1.45 -8.98
N ASP A 181 12.53 2.54 -9.17
CA ASP A 181 13.46 3.01 -8.19
C ASP A 181 13.03 4.40 -7.87
N PHE A 182 12.76 4.69 -6.61
CA PHE A 182 12.26 6.01 -6.32
C PHE A 182 13.29 7.17 -6.38
N SER A 183 14.55 6.86 -6.73
CA SER A 183 15.49 7.92 -7.19
C SER A 183 15.09 8.57 -8.56
N SER A 184 14.50 7.80 -9.46
CA SER A 184 14.07 8.31 -10.77
C SER A 184 12.55 8.26 -10.91
N THR A 185 11.97 7.09 -10.70
CA THR A 185 10.53 6.97 -10.80
C THR A 185 9.73 7.84 -9.79
N SER A 186 8.69 8.50 -10.30
CA SER A 186 7.63 9.12 -9.48
C SER A 186 6.61 8.02 -9.13
N PHE A 187 6.42 7.80 -7.83
CA PHE A 187 5.31 6.97 -7.34
C PHE A 187 4.04 7.48 -7.95
N VAL A 188 3.75 8.75 -7.76
CA VAL A 188 2.53 9.35 -8.22
C VAL A 188 2.28 9.12 -9.69
N LYS A 189 3.26 9.46 -10.49
CA LYS A 189 3.11 9.39 -11.95
C LYS A 189 3.17 8.05 -12.63
N GLU A 190 4.04 7.19 -12.18
CA GLU A 190 4.27 5.92 -12.80
C GLU A 190 3.70 4.69 -12.13
N VAL A 191 3.25 4.85 -10.90
CA VAL A 191 2.70 3.77 -10.16
C VAL A 191 1.28 3.87 -9.60
N SER A 192 0.92 5.04 -9.12
CA SER A 192 -0.31 5.22 -8.32
C SER A 192 -1.61 5.01 -9.10
N ARG A 193 -1.54 5.17 -10.41
CA ARG A 193 -2.69 5.07 -11.29
C ARG A 193 -2.99 3.65 -11.75
N ALA A 194 -2.15 2.70 -11.39
CA ALA A 194 -2.31 1.34 -11.86
C ALA A 194 -3.46 0.66 -11.13
N ARG A 195 -4.44 0.24 -11.91
CA ARG A 195 -5.66 -0.39 -11.32
C ARG A 195 -5.55 -1.84 -11.01
N THR A 196 -6.33 -2.29 -10.02
CA THR A 196 -6.44 -3.72 -9.77
C THR A 196 -7.09 -4.38 -11.01
N PHE A 197 -7.11 -5.68 -10.97
CA PHE A 197 -7.45 -6.43 -12.15
C PHE A 197 -7.97 -7.79 -11.72
N GLY A 198 -8.82 -8.31 -12.58
CA GLY A 198 -9.47 -9.59 -12.33
C GLY A 198 -9.86 -10.27 -13.65
N PHE A 199 -9.95 -11.58 -13.60
CA PHE A 199 -10.28 -12.40 -14.74
C PHE A 199 -11.72 -12.86 -14.67
N MET A 200 -12.45 -12.67 -15.74
CA MET A 200 -13.82 -13.08 -15.82
C MET A 200 -14.02 -14.49 -15.32
N ARG A 201 -13.12 -15.36 -15.67
CA ARG A 201 -13.16 -16.73 -15.23
C ARG A 201 -13.35 -16.97 -13.73
N ASP A 202 -12.69 -16.16 -12.91
CA ASP A 202 -12.77 -16.24 -11.48
C ASP A 202 -13.96 -15.54 -10.86
N ILE A 203 -14.55 -14.63 -11.60
CA ILE A 203 -15.60 -13.79 -11.08
C ILE A 203 -16.82 -14.44 -10.51
N GLU A 204 -17.40 -15.42 -11.18
CA GLU A 204 -18.58 -16.04 -10.62
C GLU A 204 -18.23 -16.89 -9.45
N TYR A 205 -17.05 -17.48 -9.45
CA TYR A 205 -16.66 -18.27 -8.33
C TYR A 205 -16.51 -17.37 -7.14
N LEU A 206 -15.81 -16.29 -7.36
CA LEU A 206 -15.53 -15.32 -6.37
C LEU A 206 -16.82 -14.76 -5.76
N ARG A 207 -17.72 -14.31 -6.59
CA ARG A 207 -19.06 -13.88 -6.12
C ARG A 207 -19.84 -14.99 -5.41
N SER A 208 -19.72 -16.20 -5.94
CA SER A 208 -20.31 -17.37 -5.29
C SER A 208 -19.85 -17.46 -3.85
N GLN A 209 -18.64 -16.98 -3.58
CA GLN A 209 -18.12 -16.90 -2.22
C GLN A 209 -18.28 -15.55 -1.54
N ASN A 210 -19.23 -14.72 -1.98
CA ASN A 210 -19.30 -13.31 -1.50
C ASN A 210 -17.97 -12.53 -1.55
N LEU A 211 -17.18 -12.75 -2.59
CA LEU A 211 -16.04 -11.88 -2.88
C LEU A 211 -16.36 -11.15 -4.18
N ALA A 212 -15.56 -10.12 -4.45
CA ALA A 212 -15.71 -9.25 -5.63
C ALA A 212 -17.11 -8.69 -5.88
N LEU A 213 -17.88 -8.45 -4.83
CA LEU A 213 -19.29 -8.05 -5.00
C LEU A 213 -19.42 -6.64 -5.45
N GLY A 214 -18.46 -5.76 -5.14
CA GLY A 214 -18.50 -4.40 -5.69
C GLY A 214 -17.67 -4.21 -6.97
N GLY A 215 -17.17 -5.28 -7.57
CA GLY A 215 -16.18 -5.12 -8.64
C GLY A 215 -16.87 -4.83 -9.96
N SER A 216 -16.31 -3.93 -10.76
CA SER A 216 -16.82 -3.61 -12.04
C SER A 216 -15.74 -2.97 -12.90
N VAL A 217 -16.06 -2.78 -14.17
CA VAL A 217 -15.16 -2.12 -15.10
C VAL A 217 -14.87 -0.71 -14.64
N GLU A 218 -15.68 -0.17 -13.74
CA GLU A 218 -15.42 1.16 -13.21
C GLU A 218 -14.33 1.17 -12.20
N ASN A 219 -13.97 0.03 -11.65
CA ASN A 219 -12.97 0.02 -10.57
C ASN A 219 -11.92 -1.07 -10.66
N ALA A 220 -11.83 -1.68 -11.83
CA ALA A 220 -10.98 -2.83 -12.11
C ALA A 220 -10.85 -3.01 -13.64
N ILE A 221 -9.64 -3.34 -14.03
CA ILE A 221 -9.37 -3.93 -15.34
C ILE A 221 -9.96 -5.33 -15.31
N VAL A 222 -10.93 -5.56 -16.18
CA VAL A 222 -11.56 -6.85 -16.21
C VAL A 222 -11.14 -7.58 -17.48
N VAL A 223 -10.65 -8.80 -17.35
CA VAL A 223 -10.08 -9.54 -18.48
C VAL A 223 -10.80 -10.82 -18.81
N ASP A 224 -11.24 -10.97 -20.05
CA ASP A 224 -11.94 -12.22 -20.41
C ASP A 224 -10.93 -13.21 -20.97
N GLU A 225 -11.38 -14.10 -21.83
CA GLU A 225 -10.46 -15.16 -22.31
C GLU A 225 -9.22 -14.60 -23.04
N ASN A 226 -9.45 -13.51 -23.77
CA ASN A 226 -8.51 -12.98 -24.72
C ASN A 226 -8.09 -11.52 -24.55
N ARG A 227 -8.97 -10.69 -23.97
CA ARG A 227 -8.77 -9.26 -23.97
C ARG A 227 -9.29 -8.50 -22.70
N VAL A 228 -8.79 -7.27 -22.55
CA VAL A 228 -9.32 -6.28 -21.60
C VAL A 228 -10.69 -5.82 -22.07
N LEU A 229 -11.66 -5.83 -21.17
CA LEU A 229 -13.02 -5.43 -21.51
C LEU A 229 -13.28 -3.95 -21.31
N ASN A 230 -12.57 -3.29 -20.40
CA ASN A 230 -12.79 -1.87 -20.21
C ASN A 230 -12.66 -1.19 -21.59
N GLU A 231 -13.74 -0.49 -22.01
CA GLU A 231 -13.85 0.18 -23.30
C GLU A 231 -12.60 0.98 -23.61
N ASP A 232 -12.08 1.70 -22.61
CA ASP A 232 -10.98 2.63 -22.87
C ASP A 232 -9.58 2.12 -22.59
N GLY A 233 -9.44 0.85 -22.22
CA GLY A 233 -8.13 0.21 -22.24
C GLY A 233 -7.26 0.44 -20.99
N LEU A 234 -5.95 0.44 -21.19
CA LEU A 234 -5.03 0.44 -20.07
C LEU A 234 -4.44 1.80 -19.94
N ARG A 235 -4.10 2.16 -18.72
CA ARG A 235 -3.46 3.42 -18.42
C ARG A 235 -1.93 3.33 -18.63
N TYR A 236 -1.37 2.16 -18.46
CA TYR A 236 0.05 1.93 -18.81
C TYR A 236 0.09 0.59 -19.54
N GLU A 237 0.99 0.49 -20.49
CA GLU A 237 1.24 -0.77 -21.18
C GLU A 237 1.47 -1.96 -20.22
N ASP A 238 2.16 -1.72 -19.13
CA ASP A 238 2.46 -2.76 -18.15
C ASP A 238 1.67 -2.52 -16.84
N GLU A 239 0.40 -2.14 -16.99
CA GLU A 239 -0.40 -1.79 -15.87
C GLU A 239 -0.50 -2.90 -14.77
N PHE A 240 -0.57 -4.13 -15.23
CA PHE A 240 -0.78 -5.27 -14.38
C PHE A 240 0.38 -5.37 -13.44
N VAL A 241 1.62 -5.38 -13.95
CA VAL A 241 2.74 -5.59 -13.04
C VAL A 241 2.98 -4.33 -12.18
N LYS A 242 2.62 -3.19 -12.73
CA LYS A 242 2.65 -1.94 -11.97
C LYS A 242 1.75 -1.97 -10.74
N HIS A 243 0.60 -2.63 -10.86
CA HIS A 243 -0.33 -2.74 -9.73
C HIS A 243 0.18 -3.71 -8.63
N LYS A 244 0.83 -4.77 -9.06
CA LYS A 244 1.50 -5.66 -8.12
C LYS A 244 2.55 -4.90 -7.30
N ILE A 245 3.23 -3.94 -7.92
CA ILE A 245 4.18 -3.09 -7.23
C ILE A 245 3.47 -2.15 -6.26
N LEU A 246 2.40 -1.52 -6.75
CA LEU A 246 1.54 -0.75 -5.90
C LEU A 246 1.07 -1.60 -4.70
N ASP A 247 0.60 -2.82 -4.93
CA ASP A 247 0.20 -3.65 -3.79
C ASP A 247 1.36 -3.86 -2.82
N ALA A 248 2.56 -4.11 -3.34
CA ALA A 248 3.73 -4.45 -2.48
C ALA A 248 4.13 -3.24 -1.65
N ILE A 249 4.09 -2.06 -2.24
CA ILE A 249 4.42 -0.87 -1.50
C ILE A 249 3.49 -0.71 -0.32
N GLY A 250 2.18 -0.92 -0.52
CA GLY A 250 1.21 -0.87 0.62
C GLY A 250 1.35 -1.98 1.66
N ASP A 251 1.62 -3.22 1.23
CA ASP A 251 1.84 -4.33 2.17
C ASP A 251 3.12 -4.06 2.95
N LEU A 252 4.17 -3.54 2.33
CA LEU A 252 5.41 -3.24 3.08
C LEU A 252 5.22 -2.14 4.11
N TYR A 253 4.24 -1.26 3.91
CA TYR A 253 4.05 -0.20 4.84
C TYR A 253 3.47 -0.70 6.16
N LEU A 254 3.03 -1.96 6.19
CA LEU A 254 2.65 -2.56 7.48
C LEU A 254 3.84 -2.74 8.42
N LEU A 255 5.07 -2.60 7.91
CA LEU A 255 6.21 -2.39 8.82
C LEU A 255 6.04 -1.22 9.78
N GLY A 256 5.26 -0.19 9.42
CA GLY A 256 4.97 0.97 10.26
C GLY A 256 5.94 2.13 10.08
N ASN A 257 6.83 2.04 9.08
CA ASN A 257 7.98 2.96 8.80
C ASN A 257 8.48 2.70 7.40
N SER A 258 8.87 3.74 6.68
CA SER A 258 9.30 3.54 5.29
C SER A 258 10.60 2.75 5.27
N LEU A 259 10.84 2.12 4.13
CA LEU A 259 11.97 1.25 3.94
C LEU A 259 13.15 1.88 3.23
N ILE A 260 14.32 1.56 3.75
CA ILE A 260 15.55 1.78 3.03
C ILE A 260 16.10 0.40 2.65
N GLY A 261 15.86 0.05 1.40
CA GLY A 261 16.14 -1.23 0.90
C GLY A 261 15.52 -1.49 -0.43
N GLU A 262 15.64 -2.71 -0.85
CA GLU A 262 15.16 -3.15 -2.12
C GLU A 262 14.27 -4.33 -1.87
N PHE A 263 13.07 -4.33 -2.52
CA PHE A 263 12.16 -5.47 -2.54
C PHE A 263 12.10 -6.09 -3.95
N ARG A 264 12.15 -7.41 -4.02
CA ARG A 264 12.03 -8.19 -5.27
C ARG A 264 10.92 -9.22 -5.02
N GLY A 265 9.95 -9.26 -5.91
CA GLY A 265 8.77 -10.13 -5.79
C GLY A 265 8.66 -10.95 -7.07
N PHE A 266 8.45 -12.24 -6.91
CA PHE A 266 8.35 -13.19 -8.01
C PHE A 266 7.11 -14.00 -7.76
N LYS A 267 6.04 -13.65 -8.46
CA LYS A 267 4.66 -14.18 -8.29
C LYS A 267 4.17 -13.99 -6.87
N SER A 268 4.67 -12.96 -6.21
CA SER A 268 4.33 -12.72 -4.83
C SER A 268 2.92 -12.08 -4.76
N GLY A 269 2.40 -12.00 -3.56
CA GLY A 269 1.05 -11.54 -3.31
C GLY A 269 0.96 -11.22 -1.83
N HIS A 270 -0.25 -11.00 -1.32
CA HIS A 270 -0.44 -10.48 0.03
C HIS A 270 0.06 -11.43 1.12
N ALA A 271 -0.20 -12.72 0.95
CA ALA A 271 0.18 -13.69 1.98
C ALA A 271 1.70 -13.68 2.13
N LEU A 272 2.40 -13.83 1.00
CA LEU A 272 3.84 -13.96 1.01
C LEU A 272 4.50 -12.62 1.40
N ASN A 273 3.89 -11.51 1.02
CA ASN A 273 4.41 -10.21 1.46
C ASN A 273 4.32 -10.12 2.95
N ASN A 274 3.18 -10.52 3.52
CA ASN A 274 3.08 -10.54 4.98
C ASN A 274 4.09 -11.51 5.63
N GLN A 275 4.24 -12.70 5.05
CA GLN A 275 5.26 -13.67 5.57
C GLN A 275 6.63 -13.01 5.60
N LEU A 276 7.01 -12.39 4.48
CA LEU A 276 8.24 -11.67 4.41
C LEU A 276 8.38 -10.64 5.50
N LEU A 277 7.35 -9.84 5.75
CA LEU A 277 7.46 -8.84 6.80
C LEU A 277 7.70 -9.47 8.15
N ARG A 278 6.97 -10.55 8.44
CA ARG A 278 7.06 -11.23 9.71
C ARG A 278 8.43 -11.83 9.93
N THR A 279 8.97 -12.44 8.90
CA THR A 279 10.32 -13.02 8.95
C THR A 279 11.36 -11.93 9.16
N LEU A 280 11.10 -10.75 8.58
CA LEU A 280 12.08 -9.68 8.69
C LEU A 280 12.10 -9.14 10.13
N ILE A 281 10.91 -8.94 10.68
CA ILE A 281 10.75 -8.39 11.99
C ILE A 281 11.36 -9.36 12.99
N ALA A 282 11.18 -10.66 12.78
CA ALA A 282 11.78 -11.64 13.67
C ALA A 282 13.33 -11.60 13.63
N ASP A 283 13.89 -11.27 12.46
CA ASP A 283 15.35 -11.30 12.31
C ASP A 283 15.97 -9.94 12.49
N LYS A 284 16.23 -9.60 13.75
CA LYS A 284 16.66 -8.26 14.11
C LYS A 284 18.09 -7.98 13.70
N ASP A 285 18.88 -8.99 13.41
CA ASP A 285 20.12 -8.71 12.69
C ASP A 285 19.94 -8.15 11.24
N ALA A 286 18.78 -8.38 10.63
CA ALA A 286 18.68 -7.99 9.23
C ALA A 286 18.16 -6.58 9.05
N TRP A 287 17.86 -5.85 10.13
CA TRP A 287 17.34 -4.46 9.99
C TRP A 287 17.63 -3.69 11.24
N GLU A 288 17.53 -2.38 11.08
CA GLU A 288 17.71 -1.37 12.10
C GLU A 288 16.86 -0.09 11.83
N VAL A 289 16.48 0.60 12.87
CA VAL A 289 15.72 1.82 12.73
C VAL A 289 16.72 2.96 12.67
N VAL A 290 16.56 3.86 11.69
CA VAL A 290 17.44 5.02 11.52
C VAL A 290 16.67 6.30 11.30
N THR A 291 17.33 7.41 11.61
CA THR A 291 16.84 8.76 11.31
C THR A 291 17.92 9.52 10.52
N PHE A 292 17.56 10.68 9.98
CA PHE A 292 18.53 11.48 9.25
C PHE A 292 18.53 12.91 9.71
N GLU A 293 19.64 13.29 10.35
CA GLU A 293 19.83 14.64 10.87
C GLU A 293 20.06 15.63 9.73
N ASP A 294 20.29 15.17 8.51
CA ASP A 294 20.57 16.10 7.42
C ASP A 294 20.01 15.50 6.17
N ALA A 295 18.94 16.11 5.73
CA ALA A 295 18.18 15.58 4.60
C ALA A 295 19.07 15.53 3.38
N ARG A 296 20.02 16.45 3.29
CA ARG A 296 20.94 16.47 2.15
C ARG A 296 21.85 15.24 2.04
N THR A 297 22.09 14.52 3.11
CA THR A 297 22.89 13.33 2.93
C THR A 297 22.12 12.06 3.03
N ALA A 298 20.81 12.14 3.13
CA ALA A 298 19.93 10.95 3.20
C ALA A 298 19.90 10.22 1.82
N PRO A 299 19.52 8.93 1.78
CA PRO A 299 19.55 8.33 0.41
C PRO A 299 18.15 8.33 -0.22
N ILE A 300 17.19 8.92 0.47
CA ILE A 300 15.80 9.01 0.00
C ILE A 300 15.38 10.48 0.07
N SER A 301 14.48 10.90 -0.80
CA SER A 301 13.87 12.22 -0.61
C SER A 301 12.40 12.22 -1.00
N TYR A 302 11.71 13.22 -0.48
CA TYR A 302 10.25 13.38 -0.62
C TYR A 302 9.86 14.66 -1.27
N MET A 303 8.63 14.68 -1.75
CA MET A 303 8.04 15.90 -2.34
C MET A 303 7.87 16.90 -1.25
N ARG A 304 7.91 18.19 -1.60
CA ARG A 304 7.44 19.25 -0.69
C ARG A 304 6.05 18.89 -0.09
N PRO A 305 5.76 19.36 1.13
CA PRO A 305 4.51 18.96 1.79
C PRO A 305 3.23 19.74 1.37
#